data_2A85
#
_entry.id   2A85
#
_cell.length_a   98.8
_cell.length_b   98.8
_cell.length_c   87.4
_cell.angle_alpha   90.0
_cell.angle_beta   90.0
_cell.angle_gamma   90.0
#
_symmetry.space_group_name_H-M   'I 4'
#
loop_
_entity.id
_entity.type
_entity.pdbx_description
1 polymer 'L(+)-mandelate dehydrogenase'
2 non-polymer 'FLAVIN MONONUCLEOTIDE'
3 non-polymer '2-(N-MORPHOLINO)-ETHANESULFONIC ACID'
4 non-polymer '(2S)-2-HYDROXYOCTANOIC ACID'
5 water water
#
_entity_poly.entity_id   1
_entity_poly.type   'polypeptide(L)'
_entity_poly.pdbx_seq_one_letter_code
;MSQNLFNVEDYRKLAQKRLPKMVYDYLEGGAEDEYGVKHNRDVFQQWRFKPKRLVDVSRRSLQAEVLGKRQSMPLLIGPT
ALNGALWPKGDLALARAATKAGIPFVLSTASNMSIEDLARQCDGDLWFQLYVIHREIAQGMVLKALHTGYTTLVLTTDVA
VNGYRERDLHNRFKIPPFLTLKNFEGIDLGKMDKANLEMQAALMSRQMDASFNWEALRWLRDLWPHKLLVKGLLSAEDAD
RCIAEGADGVILSNHGGRQLDCAISPMEVLAQSVAKTGKPVLIDSGFRRGSDIVKALALGAEAVLLGRATLYGLAARGET
GVDEVLTLLKADIDRTLAQIGCPDITSLSPDYLQNEGVTNTAPVDHLIGKGTHAHHHHHH
;
_entity_poly.pdbx_strand_id   A
#
loop_
_chem_comp.id
_chem_comp.type
_chem_comp.name
_chem_comp.formula
FMN non-polymer 'FLAVIN MONONUCLEOTIDE' 'C17 H21 N4 O9 P'
HOC non-polymer '(2S)-2-HYDROXYOCTANOIC ACID' 'C8 H16 O3'
MES non-polymer '2-(N-MORPHOLINO)-ETHANESULFONIC ACID' 'C6 H13 N O4 S'
#
# COMPACT_ATOMS: atom_id res chain seq x y z
N ASN A 4 -12.46 7.97 22.73
CA ASN A 4 -11.95 9.38 22.61
C ASN A 4 -10.93 9.03 21.45
N LEU A 5 -11.50 8.61 20.29
CA LEU A 5 -10.82 8.15 19.03
C LEU A 5 -11.16 9.14 17.90
N PHE A 6 -10.34 10.17 17.80
CA PHE A 6 -10.56 11.25 16.85
C PHE A 6 -9.56 11.38 15.71
N ASN A 7 -8.55 10.51 15.68
CA ASN A 7 -7.56 10.55 14.62
C ASN A 7 -6.83 9.24 14.59
N VAL A 8 -6.01 9.04 13.55
CA VAL A 8 -5.25 7.81 13.40
C VAL A 8 -4.39 7.50 14.61
N GLU A 9 -3.75 8.52 15.16
CA GLU A 9 -2.89 8.35 16.33
C GLU A 9 -3.64 7.68 17.47
N ASP A 10 -4.87 8.13 17.73
CA ASP A 10 -5.67 7.55 18.80
C ASP A 10 -5.82 6.05 18.59
N TYR A 11 -5.92 5.63 17.34
CA TYR A 11 -6.05 4.22 17.06
C TYR A 11 -4.73 3.50 17.27
N ARG A 12 -3.62 4.20 17.02
CA ARG A 12 -2.32 3.58 17.23
C ARG A 12 -2.19 3.26 18.72
N LYS A 13 -2.44 4.27 19.56
CA LYS A 13 -2.39 4.10 21.01
C LYS A 13 -3.28 2.95 21.46
N LEU A 14 -4.50 2.93 20.96
CA LEU A 14 -5.44 1.87 21.31
C LEU A 14 -4.94 0.50 20.84
N ALA A 15 -4.30 0.45 19.67
CA ALA A 15 -3.79 -0.81 19.14
C ALA A 15 -2.60 -1.31 19.96
N GLN A 16 -1.77 -0.39 20.43
CA GLN A 16 -0.61 -0.75 21.23
C GLN A 16 -1.06 -1.35 22.56
N LYS A 17 -2.24 -0.94 23.03
CA LYS A 17 -2.78 -1.45 24.28
C LYS A 17 -3.42 -2.81 24.12
N ARG A 18 -3.86 -3.14 22.91
CA ARG A 18 -4.51 -4.42 22.69
C ARG A 18 -3.61 -5.49 22.09
N LEU A 19 -2.61 -5.08 21.32
CA LEU A 19 -1.71 -6.04 20.69
C LEU A 19 -0.58 -6.51 21.58
N PRO A 20 -0.10 -7.73 21.33
CA PRO A 20 1.02 -8.27 22.12
C PRO A 20 2.21 -7.45 21.62
N LYS A 21 3.16 -7.12 22.49
CA LYS A 21 4.31 -6.34 22.06
C LYS A 21 4.94 -6.85 20.77
N MET A 22 5.13 -8.17 20.69
CA MET A 22 5.74 -8.79 19.52
C MET A 22 5.02 -8.45 18.21
N VAL A 23 3.69 -8.50 18.22
CA VAL A 23 2.90 -8.19 17.03
C VAL A 23 2.91 -6.69 16.79
N TYR A 24 2.75 -5.92 17.86
CA TYR A 24 2.75 -4.46 17.72
C TYR A 24 4.08 -4.00 17.12
N ASP A 25 5.19 -4.57 17.60
CA ASP A 25 6.50 -4.21 17.06
C ASP A 25 6.64 -4.62 15.62
N TYR A 26 6.04 -5.75 15.24
CA TYR A 26 6.09 -6.20 13.85
C TYR A 26 5.42 -5.13 12.97
N LEU A 27 4.29 -4.63 13.44
CA LEU A 27 3.51 -3.63 12.74
C LEU A 27 4.15 -2.24 12.68
N GLU A 28 4.50 -1.72 13.84
CA GLU A 28 5.06 -0.38 13.98
C GLU A 28 6.53 -0.27 13.63
N GLY A 29 7.25 -1.37 13.69
CA GLY A 29 8.67 -1.35 13.41
C GLY A 29 9.14 -0.86 12.06
N GLY A 30 10.37 -0.38 12.04
CA GLY A 30 11.01 0.10 10.83
C GLY A 30 12.39 -0.52 10.71
N ALA A 31 13.16 -0.09 9.72
CA ALA A 31 14.50 -0.63 9.53
C ALA A 31 15.55 0.10 10.35
N GLU A 32 16.46 -0.67 10.94
CA GLU A 32 17.57 -0.17 11.77
C GLU A 32 17.25 0.90 12.81
N ASP A 33 17.84 2.08 12.68
CA ASP A 33 17.63 3.17 13.66
C ASP A 33 16.22 3.75 13.59
N GLU A 34 15.51 3.45 12.52
CA GLU A 34 14.16 3.93 12.31
C GLU A 34 14.10 5.43 12.07
N TYR A 35 15.11 5.95 11.37
CA TYR A 35 15.13 7.36 11.01
C TYR A 35 14.25 7.46 9.76
N GLY A 36 14.03 6.31 9.12
CA GLY A 36 13.23 6.26 7.92
C GLY A 36 11.78 6.62 8.19
N VAL A 37 11.17 5.94 9.18
CA VAL A 37 9.78 6.22 9.51
C VAL A 37 9.62 7.63 10.07
N LYS A 38 10.61 8.11 10.81
CA LYS A 38 10.52 9.45 11.35
C LYS A 38 10.60 10.46 10.20
N HIS A 39 11.50 10.22 9.26
CA HIS A 39 11.64 11.09 8.10
C HIS A 39 10.35 11.11 7.29
N ASN A 40 9.73 9.93 7.15
CA ASN A 40 8.49 9.80 6.38
C ASN A 40 7.42 10.74 6.92
N ARG A 41 7.43 10.96 8.24
CA ARG A 41 6.47 11.84 8.87
C ARG A 41 6.92 13.30 8.73
N ASP A 42 8.18 13.56 9.07
CA ASP A 42 8.76 14.90 9.02
C ASP A 42 8.63 15.60 7.67
N VAL A 43 8.80 14.85 6.58
CA VAL A 43 8.78 15.40 5.24
C VAL A 43 7.51 16.16 4.88
N PHE A 44 6.42 15.93 5.62
CA PHE A 44 5.19 16.64 5.32
C PHE A 44 5.26 18.08 5.83
N GLN A 45 6.15 18.33 6.78
CA GLN A 45 6.31 19.67 7.35
C GLN A 45 7.05 20.62 6.42
N GLN A 46 7.47 20.12 5.26
CA GLN A 46 8.18 20.96 4.31
C GLN A 46 7.18 21.68 3.41
N TRP A 47 5.90 21.49 3.68
CA TRP A 47 4.84 22.12 2.91
C TRP A 47 3.71 22.58 3.79
N ARG A 48 3.33 23.84 3.63
CA ARG A 48 2.22 24.39 4.38
C ARG A 48 1.17 24.87 3.38
N PHE A 49 -0.04 25.09 3.87
CA PHE A 49 -1.14 25.52 3.02
C PHE A 49 -1.30 27.03 2.85
N LYS A 50 -1.70 27.41 1.65
CA LYS A 50 -1.98 28.81 1.31
C LYS A 50 -3.39 28.74 0.77
N PRO A 51 -4.40 28.70 1.67
CA PRO A 51 -5.81 28.63 1.33
C PRO A 51 -6.27 29.73 0.38
N LYS A 52 -7.24 29.40 -0.47
CA LYS A 52 -7.82 30.37 -1.40
C LYS A 52 -9.17 30.75 -0.78
N ARG A 53 -9.25 31.97 -0.26
CA ARG A 53 -10.47 32.44 0.38
C ARG A 53 -11.59 32.84 -0.56
N LEU A 54 -12.77 33.05 0.04
CA LEU A 54 -13.98 33.44 -0.67
C LEU A 54 -14.34 32.60 -1.88
N VAL A 55 -14.14 31.29 -1.74
CA VAL A 55 -14.47 30.35 -2.79
C VAL A 55 -15.68 29.64 -2.22
N ASP A 56 -16.65 29.31 -3.08
CA ASP A 56 -17.84 28.60 -2.64
C ASP A 56 -17.44 27.14 -2.39
N VAL A 57 -17.50 26.70 -1.14
CA VAL A 57 -17.15 25.32 -0.84
C VAL A 57 -18.30 24.58 -0.17
N SER A 58 -19.51 25.08 -0.36
CA SER A 58 -20.70 24.46 0.23
C SER A 58 -21.02 23.10 -0.39
N ARG A 59 -20.46 22.83 -1.56
CA ARG A 59 -20.67 21.56 -2.25
C ARG A 59 -19.32 21.00 -2.65
N ARG A 60 -18.81 20.09 -1.83
CA ARG A 60 -17.50 19.51 -2.08
C ARG A 60 -17.58 18.09 -2.65
N SER A 61 -16.54 17.67 -3.37
CA SER A 61 -16.50 16.34 -3.96
C SER A 61 -15.11 15.71 -3.80
N LEU A 62 -15.07 14.56 -3.15
CA LEU A 62 -13.82 13.84 -2.92
C LEU A 62 -13.70 12.73 -3.95
N GLN A 63 -14.72 12.61 -4.79
CA GLN A 63 -14.75 11.61 -5.85
C GLN A 63 -13.62 11.86 -6.83
N ALA A 64 -12.97 10.79 -7.27
CA ALA A 64 -11.88 10.95 -8.20
C ALA A 64 -11.66 9.68 -9.00
N GLU A 65 -10.87 9.82 -10.06
CA GLU A 65 -10.57 8.68 -10.91
C GLU A 65 -9.16 8.19 -10.70
N VAL A 66 -9.03 6.90 -10.43
CA VAL A 66 -7.75 6.28 -10.24
C VAL A 66 -7.61 5.29 -11.40
N LEU A 67 -6.57 5.47 -12.21
CA LEU A 67 -6.35 4.62 -13.37
C LEU A 67 -7.61 4.59 -14.26
N GLY A 68 -8.26 5.74 -14.36
CA GLY A 68 -9.45 5.84 -15.19
C GLY A 68 -10.75 5.35 -14.60
N LYS A 69 -10.70 4.76 -13.41
CA LYS A 69 -11.90 4.25 -12.76
C LYS A 69 -12.26 5.11 -11.57
N ARG A 70 -13.51 5.56 -11.51
CA ARG A 70 -13.96 6.42 -10.42
C ARG A 70 -14.18 5.69 -9.11
N GLN A 71 -13.78 6.34 -8.02
CA GLN A 71 -13.95 5.79 -6.67
C GLN A 71 -14.34 6.95 -5.74
N SER A 72 -14.89 6.62 -4.58
CA SER A 72 -15.36 7.62 -3.64
C SER A 72 -14.35 8.66 -3.19
N MET A 73 -13.07 8.31 -3.19
CA MET A 73 -12.02 9.23 -2.79
C MET A 73 -10.67 8.67 -3.20
N PRO A 74 -9.66 9.53 -3.40
CA PRO A 74 -8.29 9.16 -3.81
C PRO A 74 -7.48 8.34 -2.80
N LEU A 75 -8.11 7.35 -2.19
CA LEU A 75 -7.42 6.51 -1.20
C LEU A 75 -7.50 5.04 -1.54
N LEU A 76 -6.66 4.25 -0.88
CA LEU A 76 -6.63 2.82 -1.06
C LEU A 76 -6.04 2.17 0.18
N ILE A 77 -6.51 0.98 0.52
CA ILE A 77 -5.91 0.28 1.63
C ILE A 77 -4.84 -0.54 0.92
N GLY A 78 -3.57 -0.20 1.20
CA GLY A 78 -2.45 -0.87 0.56
C GLY A 78 -2.17 -2.28 1.00
N PRO A 79 -1.35 -3.01 0.24
CA PRO A 79 -1.01 -4.39 0.56
C PRO A 79 -0.08 -4.51 1.77
N THR A 80 -0.52 -5.29 2.75
CA THR A 80 0.27 -5.53 3.94
C THR A 80 0.12 -6.99 4.30
N ALA A 81 1.27 -7.56 4.68
CA ALA A 81 1.39 -8.98 5.03
C ALA A 81 0.97 -9.29 6.46
N LEU A 82 0.51 -10.51 6.70
CA LEU A 82 0.10 -10.95 8.05
C LEU A 82 -0.99 -10.15 8.79
N ASN A 83 -2.01 -9.71 8.08
CA ASN A 83 -3.11 -8.95 8.68
C ASN A 83 -3.88 -9.78 9.71
N GLY A 84 -3.91 -11.09 9.49
CA GLY A 84 -4.59 -12.00 10.38
C GLY A 84 -3.94 -12.10 11.75
N ALA A 85 -2.75 -11.50 11.87
CA ALA A 85 -2.03 -11.49 13.12
C ALA A 85 -2.44 -10.25 13.91
N LEU A 86 -2.97 -9.25 13.23
CA LEU A 86 -3.40 -8.03 13.92
C LEU A 86 -4.83 -8.19 14.40
N TRP A 87 -5.61 -8.99 13.68
CA TRP A 87 -7.00 -9.21 14.04
C TRP A 87 -7.54 -10.39 13.24
N PRO A 88 -8.46 -11.17 13.83
CA PRO A 88 -9.04 -12.33 13.15
C PRO A 88 -9.61 -12.01 11.76
N LYS A 89 -9.11 -12.71 10.76
CA LYS A 89 -9.50 -12.51 9.36
C LYS A 89 -9.29 -11.05 8.98
N GLY A 90 -8.16 -10.49 9.41
CA GLY A 90 -7.85 -9.11 9.11
C GLY A 90 -7.97 -8.76 7.64
N ASP A 91 -7.51 -9.65 6.76
CA ASP A 91 -7.58 -9.38 5.33
C ASP A 91 -9.00 -9.07 4.89
N LEU A 92 -9.95 -9.87 5.33
CA LEU A 92 -11.35 -9.67 4.96
C LEU A 92 -11.95 -8.44 5.62
N ALA A 93 -11.58 -8.19 6.89
CA ALA A 93 -12.10 -7.03 7.61
C ALA A 93 -11.72 -5.73 6.86
N LEU A 94 -10.50 -5.72 6.32
CA LEU A 94 -9.99 -4.57 5.58
C LEU A 94 -10.68 -4.44 4.22
N ALA A 95 -10.70 -5.53 3.47
CA ALA A 95 -11.34 -5.53 2.15
C ALA A 95 -12.78 -5.03 2.24
N ARG A 96 -13.45 -5.37 3.33
CA ARG A 96 -14.84 -4.95 3.49
C ARG A 96 -15.00 -3.48 3.87
N ALA A 97 -14.05 -2.94 4.62
CA ALA A 97 -14.12 -1.54 5.00
C ALA A 97 -13.79 -0.70 3.77
N ALA A 98 -12.85 -1.19 2.97
CA ALA A 98 -12.43 -0.51 1.76
C ALA A 98 -13.61 -0.45 0.80
N THR A 99 -14.25 -1.61 0.60
CA THR A 99 -15.40 -1.74 -0.27
C THR A 99 -16.57 -0.91 0.23
N LYS A 100 -16.74 -0.83 1.54
CA LYS A 100 -17.82 -0.03 2.09
C LYS A 100 -17.53 1.45 1.89
N ALA A 101 -16.25 1.82 1.90
CA ALA A 101 -15.85 3.21 1.72
C ALA A 101 -15.83 3.61 0.25
N GLY A 102 -15.91 2.62 -0.63
CA GLY A 102 -15.90 2.89 -2.06
C GLY A 102 -14.52 2.99 -2.67
N ILE A 103 -13.50 2.47 -1.98
CA ILE A 103 -12.13 2.52 -2.48
C ILE A 103 -11.57 1.10 -2.59
N PRO A 104 -10.51 0.91 -3.39
CA PRO A 104 -9.90 -0.42 -3.56
C PRO A 104 -9.14 -0.97 -2.37
N PHE A 105 -8.93 -2.29 -2.41
CA PHE A 105 -8.18 -3.00 -1.40
C PHE A 105 -7.14 -3.85 -2.14
N VAL A 106 -5.90 -3.82 -1.68
CA VAL A 106 -4.85 -4.60 -2.35
C VAL A 106 -4.42 -5.77 -1.48
N LEU A 107 -4.68 -6.98 -1.98
CA LEU A 107 -4.30 -8.19 -1.25
C LEU A 107 -2.81 -8.45 -1.39
N SER A 108 -2.16 -8.75 -0.27
CA SER A 108 -0.74 -9.02 -0.26
C SER A 108 -0.46 -10.46 -0.70
N THR A 109 0.70 -10.67 -1.31
CA THR A 109 1.10 -12.01 -1.73
C THR A 109 1.16 -12.86 -0.48
N ALA A 110 1.59 -12.24 0.62
CA ALA A 110 1.72 -12.92 1.90
C ALA A 110 0.53 -12.68 2.83
N SER A 111 -0.68 -12.82 2.31
CA SER A 111 -1.88 -12.63 3.11
C SER A 111 -2.26 -13.91 3.84
N ASN A 112 -3.13 -13.80 4.84
CA ASN A 112 -3.56 -14.96 5.60
C ASN A 112 -4.83 -15.59 5.03
N MET A 113 -5.40 -14.93 4.03
CA MET A 113 -6.60 -15.41 3.34
C MET A 113 -6.15 -15.52 1.90
N SER A 114 -6.66 -16.49 1.16
CA SER A 114 -6.22 -16.67 -0.22
C SER A 114 -6.90 -15.75 -1.25
N ILE A 115 -6.21 -15.60 -2.38
CA ILE A 115 -6.68 -14.78 -3.49
C ILE A 115 -8.12 -15.14 -3.84
N GLU A 116 -8.48 -16.41 -3.65
CA GLU A 116 -9.81 -16.88 -3.98
C GLU A 116 -10.84 -16.68 -2.88
N ASP A 117 -10.50 -17.02 -1.64
CA ASP A 117 -11.43 -16.85 -0.54
C ASP A 117 -11.95 -15.43 -0.44
N LEU A 118 -11.06 -14.47 -0.67
CA LEU A 118 -11.43 -13.06 -0.60
C LEU A 118 -12.33 -12.68 -1.76
N ALA A 119 -11.90 -13.02 -2.97
CA ALA A 119 -12.65 -12.72 -4.18
C ALA A 119 -14.04 -13.32 -4.10
N ARG A 120 -14.20 -14.33 -3.26
CA ARG A 120 -15.47 -15.01 -3.09
C ARG A 120 -16.32 -14.36 -2.00
N GLN A 121 -15.66 -13.87 -0.96
CA GLN A 121 -16.36 -13.25 0.16
C GLN A 121 -16.43 -11.71 0.09
N CYS A 122 -15.95 -11.13 -0.99
CA CYS A 122 -15.98 -9.68 -1.15
C CYS A 122 -16.19 -9.30 -2.61
N ASP A 123 -16.94 -8.22 -2.84
CA ASP A 123 -17.24 -7.80 -4.21
C ASP A 123 -16.76 -6.40 -4.57
N GLY A 124 -15.87 -5.84 -3.76
CA GLY A 124 -15.36 -4.51 -4.05
C GLY A 124 -14.25 -4.60 -5.09
N ASP A 125 -13.57 -3.48 -5.33
CA ASP A 125 -12.47 -3.45 -6.28
C ASP A 125 -11.29 -4.12 -5.58
N LEU A 126 -10.84 -5.26 -6.10
CA LEU A 126 -9.74 -5.98 -5.47
C LEU A 126 -8.49 -5.96 -6.33
N TRP A 127 -7.38 -5.57 -5.71
CA TRP A 127 -6.11 -5.52 -6.40
C TRP A 127 -5.24 -6.58 -5.78
N PHE A 128 -4.27 -7.07 -6.54
CA PHE A 128 -3.37 -8.09 -6.02
C PHE A 128 -1.93 -7.63 -6.10
N GLN A 129 -1.24 -7.65 -4.96
CA GLN A 129 0.15 -7.25 -4.91
C GLN A 129 0.94 -8.52 -5.05
N LEU A 130 1.87 -8.52 -6.00
CA LEU A 130 2.69 -9.70 -6.24
C LEU A 130 4.15 -9.60 -5.80
N TYR A 131 4.61 -10.64 -5.12
CA TYR A 131 6.00 -10.78 -4.69
C TYR A 131 6.46 -12.00 -5.50
N VAL A 132 7.66 -11.97 -6.07
CA VAL A 132 8.11 -13.11 -6.87
C VAL A 132 9.21 -13.92 -6.19
N ILE A 133 8.86 -15.08 -5.66
CA ILE A 133 9.83 -15.95 -5.01
C ILE A 133 10.31 -16.95 -6.07
N HIS A 134 9.34 -17.53 -6.77
CA HIS A 134 9.58 -18.50 -7.83
C HIS A 134 8.80 -18.05 -9.07
N ARG A 135 9.49 -17.85 -10.18
CA ARG A 135 8.83 -17.39 -11.40
C ARG A 135 7.58 -18.17 -11.78
N GLU A 136 7.66 -19.49 -11.74
CA GLU A 136 6.53 -20.33 -12.09
C GLU A 136 5.39 -20.19 -11.08
N ILE A 137 5.73 -20.03 -9.81
CA ILE A 137 4.72 -19.88 -8.76
C ILE A 137 4.02 -18.53 -8.90
N ALA A 138 4.79 -17.52 -9.31
CA ALA A 138 4.26 -16.17 -9.50
C ALA A 138 3.15 -16.22 -10.54
N GLN A 139 3.44 -16.85 -11.67
CA GLN A 139 2.46 -16.97 -12.75
C GLN A 139 1.19 -17.65 -12.26
N GLY A 140 1.35 -18.58 -11.32
CA GLY A 140 0.19 -19.29 -10.78
C GLY A 140 -0.77 -18.34 -10.09
N MET A 141 -0.24 -17.48 -9.22
CA MET A 141 -1.07 -16.53 -8.49
C MET A 141 -1.64 -15.49 -9.45
N VAL A 142 -0.81 -15.03 -10.38
CA VAL A 142 -1.21 -14.02 -11.35
C VAL A 142 -2.49 -14.48 -12.07
N LEU A 143 -2.46 -15.69 -12.64
CA LEU A 143 -3.63 -16.20 -13.34
C LEU A 143 -4.75 -16.47 -12.35
N LYS A 144 -4.38 -16.91 -11.16
CA LYS A 144 -5.38 -17.19 -10.13
C LYS A 144 -6.18 -15.93 -9.83
N ALA A 145 -5.48 -14.81 -9.73
CA ALA A 145 -6.12 -13.52 -9.44
C ALA A 145 -6.87 -13.02 -10.67
N LEU A 146 -6.35 -13.32 -11.85
CA LEU A 146 -6.98 -12.91 -13.10
C LEU A 146 -8.34 -13.59 -13.26
N HIS A 147 -8.38 -14.88 -12.95
CA HIS A 147 -9.61 -15.65 -13.06
C HIS A 147 -10.63 -15.29 -11.97
N THR A 148 -10.15 -14.92 -10.79
CA THR A 148 -11.06 -14.57 -9.71
C THR A 148 -11.60 -13.15 -9.83
N GLY A 149 -11.18 -12.43 -10.86
CA GLY A 149 -11.70 -11.09 -11.06
C GLY A 149 -10.97 -9.89 -10.45
N TYR A 150 -9.69 -10.03 -10.16
CA TYR A 150 -8.94 -8.91 -9.61
C TYR A 150 -8.70 -7.94 -10.75
N THR A 151 -9.00 -6.66 -10.53
CA THR A 151 -8.84 -5.65 -11.56
C THR A 151 -7.42 -5.17 -11.83
N THR A 152 -6.64 -5.01 -10.78
CA THR A 152 -5.28 -4.50 -10.92
C THR A 152 -4.22 -5.39 -10.28
N LEU A 153 -3.04 -5.42 -10.88
CA LEU A 153 -1.92 -6.20 -10.37
C LEU A 153 -0.85 -5.22 -9.96
N VAL A 154 -0.21 -5.47 -8.83
CA VAL A 154 0.84 -4.58 -8.34
C VAL A 154 2.11 -5.33 -8.03
N LEU A 155 3.17 -5.03 -8.79
CA LEU A 155 4.46 -5.66 -8.57
C LEU A 155 5.24 -4.84 -7.57
N THR A 156 5.57 -5.44 -6.43
CA THR A 156 6.35 -4.76 -5.38
C THR A 156 7.81 -5.11 -5.61
N THR A 157 8.63 -4.09 -5.80
CA THR A 157 10.03 -4.30 -6.09
C THR A 157 11.06 -3.95 -5.02
N ASP A 158 10.63 -3.40 -3.88
CA ASP A 158 11.60 -3.01 -2.85
C ASP A 158 11.89 -4.04 -1.76
N VAL A 159 11.81 -5.32 -2.12
CA VAL A 159 12.12 -6.36 -1.16
C VAL A 159 13.01 -7.42 -1.81
N ALA A 160 14.06 -6.95 -2.50
CA ALA A 160 15.01 -7.85 -3.16
C ALA A 160 15.52 -8.77 -2.05
N VAL A 161 15.88 -8.17 -0.93
CA VAL A 161 16.31 -8.91 0.24
C VAL A 161 15.49 -8.31 1.38
N ASN A 162 15.40 -9.02 2.49
CA ASN A 162 14.63 -8.57 3.64
C ASN A 162 15.30 -7.38 4.37
N GLY A 163 14.48 -6.41 4.77
CA GLY A 163 14.98 -5.26 5.49
C GLY A 163 15.38 -5.61 6.91
N TYR A 164 16.48 -5.02 7.38
CA TYR A 164 16.99 -5.27 8.72
C TYR A 164 16.13 -4.54 9.77
N ARG A 165 15.11 -5.24 10.26
CA ARG A 165 14.21 -4.69 11.25
C ARG A 165 14.55 -5.31 12.60
N GLU A 166 15.25 -4.53 13.41
CA GLU A 166 15.73 -4.96 14.73
C GLU A 166 14.70 -5.23 15.82
N ARG A 167 13.52 -4.63 15.73
CA ARG A 167 12.50 -4.90 16.75
C ARG A 167 12.14 -6.38 16.64
N ASP A 168 12.00 -6.87 15.41
CA ASP A 168 11.68 -8.27 15.20
C ASP A 168 12.85 -9.13 15.65
N LEU A 169 14.06 -8.61 15.47
CA LEU A 169 15.26 -9.34 15.87
C LEU A 169 15.35 -9.47 17.39
N HIS A 170 15.15 -8.37 18.12
CA HIS A 170 15.20 -8.41 19.58
C HIS A 170 14.07 -9.27 20.13
N ASN A 171 12.97 -9.36 19.38
CA ASN A 171 11.83 -10.16 19.81
C ASN A 171 11.85 -11.57 19.27
N ARG A 172 12.82 -11.89 18.40
CA ARG A 172 12.88 -13.21 17.80
C ARG A 172 11.51 -13.51 17.19
N PHE A 173 10.90 -12.48 16.61
CA PHE A 173 9.58 -12.57 15.99
C PHE A 173 9.38 -13.83 15.16
N LYS A 174 8.21 -14.43 15.31
CA LYS A 174 7.86 -15.64 14.59
C LYS A 174 6.41 -15.53 14.11
N ILE A 175 6.16 -15.91 12.86
CA ILE A 175 4.81 -15.86 12.31
C ILE A 175 3.85 -16.65 13.20
N PRO A 176 2.85 -15.97 13.80
CA PRO A 176 1.88 -16.64 14.67
C PRO A 176 1.48 -18.02 14.15
N PRO A 177 1.55 -19.05 15.01
CA PRO A 177 1.21 -20.44 14.68
C PRO A 177 -0.11 -20.65 13.96
N PHE A 178 -1.18 -20.06 14.49
CA PHE A 178 -2.52 -20.21 13.91
C PHE A 178 -2.65 -19.58 12.52
N LEU A 179 -1.61 -18.86 12.09
CA LEU A 179 -1.63 -18.21 10.78
C LEU A 179 -0.61 -18.82 9.82
N THR A 180 -0.83 -18.59 8.53
CA THR A 180 0.06 -19.10 7.50
C THR A 180 -0.06 -18.26 6.22
N LEU A 181 0.88 -18.45 5.29
CA LEU A 181 0.86 -17.73 4.03
C LEU A 181 0.00 -18.54 3.07
N LYS A 182 -1.31 -18.35 3.20
CA LYS A 182 -2.31 -19.05 2.41
C LYS A 182 -2.09 -19.14 0.90
N ASN A 183 -1.62 -18.06 0.29
CA ASN A 183 -1.39 -18.06 -1.15
C ASN A 183 -0.33 -19.05 -1.63
N PHE A 184 0.42 -19.61 -0.69
CA PHE A 184 1.46 -20.59 -1.01
C PHE A 184 1.03 -22.00 -0.63
N GLU A 185 -0.06 -22.09 0.12
CA GLU A 185 -0.61 -23.37 0.56
C GLU A 185 -1.03 -24.19 -0.65
N GLY A 186 -0.77 -25.49 -0.60
CA GLY A 186 -1.15 -26.37 -1.71
C GLY A 186 -0.27 -26.33 -2.95
N ILE A 187 0.77 -25.50 -2.94
CA ILE A 187 1.65 -25.40 -4.09
C ILE A 187 2.44 -26.70 -4.26
N ASP A 188 1.71 -27.75 -4.64
CA ASP A 188 2.25 -29.10 -4.86
C ASP A 188 3.45 -29.52 -4.01
N LEU A 189 4.04 -30.64 -4.41
CA LEU A 189 5.20 -31.23 -3.75
C LEU A 189 5.23 -32.68 -4.23
N GLY A 190 6.03 -33.52 -3.60
CA GLY A 190 6.10 -34.91 -4.01
C GLY A 190 6.78 -35.02 -5.35
N LYS A 191 6.69 -33.95 -6.15
CA LYS A 191 7.33 -33.92 -7.46
C LYS A 191 8.76 -33.51 -7.32
N MET A 192 9.38 -34.66 -7.48
CA MET A 192 10.82 -34.96 -7.45
C MET A 192 11.43 -34.61 -8.80
N ASP A 193 10.83 -33.80 -9.68
CA ASP A 193 11.55 -33.63 -10.90
C ASP A 193 12.66 -32.63 -10.50
N LYS A 194 13.37 -31.89 -11.32
CA LYS A 194 14.42 -31.09 -10.65
C LYS A 194 13.80 -29.75 -10.43
N ALA A 195 13.27 -29.31 -11.56
CA ALA A 195 12.54 -28.06 -11.72
C ALA A 195 11.61 -27.81 -10.57
N ASN A 196 10.98 -28.90 -10.16
CA ASN A 196 9.95 -28.90 -9.16
C ASN A 196 10.44 -28.82 -7.72
N LEU A 197 11.72 -29.10 -7.63
CA LEU A 197 12.59 -29.13 -6.46
C LEU A 197 13.26 -27.78 -6.20
N GLU A 198 13.42 -27.09 -7.32
CA GLU A 198 14.04 -25.79 -7.46
C GLU A 198 12.96 -24.79 -7.17
N MET A 199 11.91 -25.27 -6.54
CA MET A 199 10.78 -24.45 -6.20
C MET A 199 10.59 -24.59 -4.71
N GLN A 200 10.80 -25.80 -4.22
CA GLN A 200 10.67 -26.09 -2.80
C GLN A 200 11.78 -25.37 -2.03
N ALA A 201 12.89 -25.12 -2.72
CA ALA A 201 14.01 -24.42 -2.11
C ALA A 201 13.63 -22.97 -1.90
N ALA A 202 12.88 -22.42 -2.85
CA ALA A 202 12.42 -21.04 -2.80
C ALA A 202 11.26 -20.89 -1.82
N LEU A 203 10.48 -21.96 -1.65
CA LEU A 203 9.34 -21.95 -0.75
C LEU A 203 9.79 -22.05 0.71
N MET A 204 11.02 -22.46 0.92
CA MET A 204 11.58 -22.58 2.27
C MET A 204 12.50 -21.39 2.51
N SER A 205 12.45 -20.44 1.58
CA SER A 205 13.27 -19.24 1.68
C SER A 205 12.41 -18.00 1.84
N ARG A 206 12.62 -17.28 2.94
CA ARG A 206 11.90 -16.05 3.19
C ARG A 206 12.54 -15.02 2.27
N GLN A 207 13.37 -15.52 1.36
CA GLN A 207 14.10 -14.70 0.39
C GLN A 207 13.49 -14.83 -1.01
N MET A 208 13.27 -13.70 -1.65
CA MET A 208 12.69 -13.65 -2.98
C MET A 208 13.70 -13.51 -4.09
N ASP A 209 13.20 -13.57 -5.32
CA ASP A 209 14.03 -13.46 -6.51
C ASP A 209 14.65 -12.07 -6.60
N ALA A 210 15.91 -11.96 -6.15
CA ALA A 210 16.64 -10.71 -6.20
C ALA A 210 17.00 -10.42 -7.65
N SER A 211 16.78 -11.43 -8.50
CA SER A 211 17.07 -11.40 -9.92
C SER A 211 16.07 -10.65 -10.80
N PHE A 212 14.85 -10.45 -10.31
CA PHE A 212 13.83 -9.77 -11.10
C PHE A 212 14.25 -8.41 -11.62
N ASN A 213 14.44 -8.34 -12.94
CA ASN A 213 14.88 -7.13 -13.61
C ASN A 213 13.82 -6.62 -14.60
N TRP A 214 14.19 -5.62 -15.39
CA TRP A 214 13.27 -5.02 -16.36
C TRP A 214 12.74 -6.04 -17.35
N GLU A 215 13.63 -6.92 -17.81
CA GLU A 215 13.25 -7.95 -18.75
C GLU A 215 12.10 -8.78 -18.15
N ALA A 216 12.25 -9.11 -16.87
CA ALA A 216 11.24 -9.89 -16.15
C ALA A 216 9.92 -9.12 -16.03
N LEU A 217 10.02 -7.78 -16.06
CA LEU A 217 8.84 -6.93 -15.97
C LEU A 217 8.05 -7.05 -17.28
N ARG A 218 8.76 -7.27 -18.37
CA ARG A 218 8.13 -7.44 -19.67
C ARG A 218 7.33 -8.74 -19.67
N TRP A 219 7.96 -9.78 -19.15
CA TRP A 219 7.33 -11.09 -19.05
C TRP A 219 6.01 -10.93 -18.29
N LEU A 220 6.05 -10.19 -17.19
CA LEU A 220 4.86 -9.97 -16.37
C LEU A 220 3.84 -9.08 -17.07
N ARG A 221 4.33 -8.12 -17.84
CA ARG A 221 3.46 -7.20 -18.57
C ARG A 221 2.63 -7.95 -19.61
N ASP A 222 3.24 -8.92 -20.28
CA ASP A 222 2.54 -9.72 -21.30
C ASP A 222 1.56 -10.66 -20.63
N LEU A 223 1.96 -11.20 -19.49
CA LEU A 223 1.15 -12.15 -18.72
C LEU A 223 -0.15 -11.57 -18.16
N TRP A 224 -0.10 -10.31 -17.71
CA TRP A 224 -1.27 -9.66 -17.15
C TRP A 224 -1.92 -8.70 -18.13
N PRO A 225 -3.21 -8.92 -18.46
CA PRO A 225 -3.95 -8.09 -19.41
C PRO A 225 -4.55 -6.78 -18.89
N HIS A 226 -4.70 -6.66 -17.57
CA HIS A 226 -5.29 -5.43 -17.03
C HIS A 226 -4.28 -4.40 -16.51
N LYS A 227 -4.77 -3.42 -15.74
CA LYS A 227 -3.89 -2.38 -15.21
C LYS A 227 -2.77 -2.99 -14.38
N LEU A 228 -1.55 -2.57 -14.69
CA LEU A 228 -0.37 -3.05 -14.00
C LEU A 228 0.42 -1.87 -13.41
N LEU A 229 0.68 -1.94 -12.10
CA LEU A 229 1.42 -0.90 -11.42
C LEU A 229 2.68 -1.47 -10.78
N VAL A 230 3.74 -0.66 -10.74
CA VAL A 230 5.02 -1.04 -10.13
C VAL A 230 5.17 -0.24 -8.85
N LYS A 231 5.26 -0.95 -7.72
CA LYS A 231 5.38 -0.34 -6.40
C LYS A 231 6.79 -0.46 -5.83
N GLY A 232 7.22 0.59 -5.13
CA GLY A 232 8.55 0.59 -4.52
C GLY A 232 9.57 1.48 -5.21
N LEU A 233 9.09 2.38 -6.06
CA LEU A 233 9.98 3.27 -6.79
C LEU A 233 10.32 4.53 -5.99
N LEU A 234 11.57 4.97 -6.11
CA LEU A 234 12.03 6.16 -5.40
C LEU A 234 12.79 7.14 -6.27
N SER A 235 12.54 7.11 -7.58
CA SER A 235 13.19 8.05 -8.50
C SER A 235 12.26 8.27 -9.69
N ALA A 236 12.31 9.48 -10.24
CA ALA A 236 11.47 9.82 -11.38
C ALA A 236 11.97 8.99 -12.57
N GLU A 237 13.28 8.74 -12.59
CA GLU A 237 13.91 7.96 -13.65
C GLU A 237 13.33 6.54 -13.71
N ASP A 238 13.22 5.89 -12.55
CA ASP A 238 12.69 4.53 -12.48
C ASP A 238 11.20 4.47 -12.82
N ALA A 239 10.44 5.49 -12.43
CA ALA A 239 9.01 5.50 -12.73
C ALA A 239 8.84 5.63 -14.25
N ASP A 240 9.68 6.47 -14.84
CA ASP A 240 9.64 6.70 -16.28
C ASP A 240 10.00 5.41 -17.04
N ARG A 241 10.96 4.66 -16.52
CA ARG A 241 11.37 3.42 -17.16
C ARG A 241 10.21 2.43 -17.13
N CYS A 242 9.56 2.35 -15.97
CA CYS A 242 8.41 1.45 -15.78
C CYS A 242 7.31 1.73 -16.80
N ILE A 243 7.02 3.00 -17.03
CA ILE A 243 6.01 3.39 -17.99
C ILE A 243 6.51 3.01 -19.38
N ALA A 244 7.80 3.19 -19.59
CA ALA A 244 8.42 2.86 -20.88
C ALA A 244 8.30 1.37 -21.16
N GLU A 245 8.30 0.57 -20.08
CA GLU A 245 8.22 -0.88 -20.20
C GLU A 245 6.81 -1.45 -20.19
N GLY A 246 5.81 -0.58 -20.17
CA GLY A 246 4.44 -1.05 -20.20
C GLY A 246 3.56 -0.74 -19.00
N ALA A 247 4.15 -0.42 -17.85
CA ALA A 247 3.35 -0.13 -16.66
C ALA A 247 2.29 0.92 -16.95
N ASP A 248 1.15 0.81 -16.28
CA ASP A 248 0.06 1.75 -16.47
C ASP A 248 0.18 2.87 -15.46
N GLY A 249 1.09 2.67 -14.51
CA GLY A 249 1.32 3.66 -13.47
C GLY A 249 2.29 3.10 -12.46
N VAL A 250 2.72 3.93 -11.50
CA VAL A 250 3.65 3.46 -10.50
C VAL A 250 3.26 3.88 -9.10
N ILE A 251 3.88 3.26 -8.11
CA ILE A 251 3.64 3.60 -6.72
C ILE A 251 4.96 4.00 -6.06
N LEU A 252 5.14 5.31 -5.88
CA LEU A 252 6.34 5.80 -5.22
C LEU A 252 6.20 5.33 -3.79
N SER A 253 7.23 4.71 -3.24
CA SER A 253 7.15 4.19 -1.90
C SER A 253 8.49 3.70 -1.37
N ASN A 254 8.68 3.79 -0.05
CA ASN A 254 9.90 3.27 0.56
C ASN A 254 9.50 2.20 1.57
N HIS A 255 8.35 1.59 1.32
CA HIS A 255 7.81 0.50 2.14
C HIS A 255 7.53 0.91 3.57
N GLY A 256 7.11 2.15 3.77
CA GLY A 256 6.80 2.60 5.12
C GLY A 256 8.02 2.56 6.02
N GLY A 257 9.20 2.85 5.46
CA GLY A 257 10.44 2.88 6.21
C GLY A 257 10.90 1.55 6.79
N ARG A 258 10.41 0.45 6.24
CA ARG A 258 10.75 -0.87 6.72
C ARG A 258 11.86 -1.60 5.96
N GLN A 259 12.27 -1.07 4.81
CA GLN A 259 13.30 -1.73 4.02
C GLN A 259 14.69 -1.13 4.08
N LEU A 260 14.78 0.16 3.79
CA LEU A 260 16.05 0.88 3.79
C LEU A 260 15.87 2.13 4.65
N ASP A 261 16.42 2.11 5.86
CA ASP A 261 16.30 3.22 6.79
C ASP A 261 16.63 4.60 6.22
N CYS A 262 17.71 4.72 5.44
CA CYS A 262 18.09 6.01 4.88
C CYS A 262 17.48 6.32 3.53
N ALA A 263 16.43 5.60 3.18
CA ALA A 263 15.73 5.81 1.92
C ALA A 263 15.03 7.17 1.94
N ILE A 264 15.03 7.86 0.79
CA ILE A 264 14.35 9.15 0.72
C ILE A 264 12.86 8.86 0.83
N SER A 265 12.08 9.89 1.17
CA SER A 265 10.64 9.74 1.24
C SER A 265 10.11 9.88 -0.19
N PRO A 266 9.12 9.07 -0.57
CA PRO A 266 8.62 9.21 -1.94
C PRO A 266 8.13 10.64 -2.24
N MET A 267 7.82 11.40 -1.19
CA MET A 267 7.37 12.77 -1.38
C MET A 267 8.48 13.59 -2.01
N GLU A 268 9.71 13.19 -1.76
CA GLU A 268 10.89 13.89 -2.29
C GLU A 268 11.03 13.83 -3.81
N VAL A 269 10.41 12.83 -4.44
CA VAL A 269 10.51 12.75 -5.90
C VAL A 269 9.15 12.69 -6.57
N LEU A 270 8.09 13.00 -5.82
CA LEU A 270 6.72 12.98 -6.34
C LEU A 270 6.44 13.96 -7.48
N ALA A 271 6.71 15.24 -7.25
CA ALA A 271 6.45 16.26 -8.27
C ALA A 271 7.21 15.95 -9.56
N GLN A 272 8.46 15.53 -9.41
CA GLN A 272 9.28 15.23 -10.55
C GLN A 272 8.76 14.02 -11.32
N SER A 273 8.40 12.96 -10.59
CA SER A 273 7.88 11.74 -11.21
C SER A 273 6.59 12.04 -11.98
N VAL A 274 5.77 12.93 -11.44
CA VAL A 274 4.53 13.30 -12.09
C VAL A 274 4.81 14.04 -13.39
N ALA A 275 5.79 14.93 -13.34
CA ALA A 275 6.15 15.73 -14.51
C ALA A 275 6.79 14.89 -15.61
N LYS A 276 7.67 13.96 -15.23
CA LYS A 276 8.35 13.12 -16.20
C LYS A 276 7.54 11.96 -16.77
N THR A 277 6.79 11.26 -15.96
CA THR A 277 6.02 10.12 -16.46
C THR A 277 4.79 10.49 -17.27
N GLY A 278 4.10 11.55 -16.86
CA GLY A 278 2.89 11.93 -17.57
C GLY A 278 1.83 10.84 -17.42
N LYS A 279 2.03 9.95 -16.45
CA LYS A 279 1.12 8.83 -16.17
C LYS A 279 0.75 8.85 -14.69
N PRO A 280 -0.23 8.03 -14.28
CA PRO A 280 -0.65 7.97 -12.88
C PRO A 280 0.48 7.64 -11.90
N VAL A 281 0.71 8.54 -10.96
CA VAL A 281 1.75 8.34 -9.94
C VAL A 281 1.07 8.25 -8.58
N LEU A 282 0.94 7.05 -8.05
CA LEU A 282 0.33 6.85 -6.73
C LEU A 282 1.43 6.88 -5.68
N ILE A 283 1.07 6.88 -4.40
CA ILE A 283 2.10 6.97 -3.39
C ILE A 283 1.66 6.51 -1.99
N ASP A 284 2.64 6.18 -1.16
CA ASP A 284 2.38 5.78 0.23
C ASP A 284 3.65 6.01 1.02
N SER A 285 3.59 5.71 2.31
CA SER A 285 4.73 5.83 3.24
C SER A 285 4.73 7.09 4.10
N GLY A 286 4.14 6.98 5.28
CA GLY A 286 4.12 8.10 6.19
C GLY A 286 2.79 8.80 6.38
N PHE A 287 1.81 8.51 5.53
CA PHE A 287 0.51 9.16 5.61
C PHE A 287 -0.33 8.79 6.83
N ARG A 288 -0.69 9.81 7.62
CA ARG A 288 -1.49 9.61 8.82
C ARG A 288 -2.60 10.66 8.94
N ARG A 289 -2.31 11.85 8.42
CA ARG A 289 -3.26 12.95 8.46
C ARG A 289 -3.86 13.24 7.09
N GLY A 290 -5.05 13.85 7.09
CA GLY A 290 -5.70 14.20 5.85
C GLY A 290 -4.88 15.26 5.14
N SER A 291 -4.17 16.08 5.93
CA SER A 291 -3.33 17.12 5.37
C SER A 291 -2.14 16.50 4.62
N ASP A 292 -1.65 15.37 5.11
CA ASP A 292 -0.54 14.69 4.43
C ASP A 292 -1.03 14.27 3.05
N ILE A 293 -2.16 13.57 3.05
CA ILE A 293 -2.80 13.07 1.84
C ILE A 293 -3.07 14.18 0.83
N VAL A 294 -3.59 15.30 1.33
CA VAL A 294 -3.90 16.42 0.46
C VAL A 294 -2.67 17.07 -0.15
N LYS A 295 -1.59 17.19 0.62
CA LYS A 295 -0.37 17.79 0.10
C LYS A 295 0.15 16.95 -1.06
N ALA A 296 0.08 15.63 -0.91
CA ALA A 296 0.54 14.73 -1.96
C ALA A 296 -0.35 14.82 -3.20
N LEU A 297 -1.66 14.84 -2.97
CA LEU A 297 -2.62 14.96 -4.08
C LEU A 297 -2.40 16.29 -4.79
N ALA A 298 -2.09 17.31 -4.01
CA ALA A 298 -1.84 18.66 -4.52
C ALA A 298 -0.58 18.69 -5.38
N LEU A 299 0.39 17.82 -5.04
CA LEU A 299 1.64 17.73 -5.78
C LEU A 299 1.52 16.89 -7.05
N GLY A 300 0.37 16.29 -7.28
CA GLY A 300 0.20 15.53 -8.50
C GLY A 300 -0.11 14.06 -8.34
N ALA A 301 -0.01 13.55 -7.12
CA ALA A 301 -0.30 12.14 -6.89
C ALA A 301 -1.74 11.84 -7.30
N GLU A 302 -1.93 10.66 -7.89
CA GLU A 302 -3.26 10.25 -8.32
C GLU A 302 -4.09 9.71 -7.15
N ALA A 303 -3.41 9.07 -6.21
CA ALA A 303 -4.06 8.51 -5.03
C ALA A 303 -3.01 8.13 -3.99
N VAL A 304 -3.45 7.96 -2.75
CA VAL A 304 -2.56 7.59 -1.67
C VAL A 304 -3.01 6.26 -1.10
N LEU A 305 -2.05 5.37 -0.86
CA LEU A 305 -2.35 4.06 -0.30
C LEU A 305 -2.05 4.12 1.20
N LEU A 306 -2.93 3.53 1.98
CA LEU A 306 -2.74 3.52 3.42
C LEU A 306 -2.14 2.21 3.88
N GLY A 307 -1.14 2.32 4.75
CA GLY A 307 -0.50 1.16 5.31
C GLY A 307 -0.91 1.01 6.77
N ARG A 308 -0.07 1.53 7.66
CA ARG A 308 -0.32 1.44 9.08
C ARG A 308 -1.60 2.14 9.58
N ALA A 309 -1.94 3.29 9.00
CA ALA A 309 -3.13 4.03 9.42
C ALA A 309 -4.35 3.12 9.58
N THR A 310 -4.77 2.47 8.51
CA THR A 310 -5.92 1.58 8.60
C THR A 310 -5.62 0.33 9.44
N LEU A 311 -4.36 -0.10 9.48
CA LEU A 311 -4.03 -1.28 10.28
C LEU A 311 -4.24 -1.00 11.77
N TYR A 312 -4.15 0.27 12.17
CA TYR A 312 -4.37 0.62 13.57
C TYR A 312 -5.83 0.44 13.91
N GLY A 313 -6.70 0.82 12.98
CA GLY A 313 -8.13 0.69 13.19
C GLY A 313 -8.49 -0.77 13.27
N LEU A 314 -7.82 -1.58 12.45
CA LEU A 314 -8.04 -3.02 12.43
C LEU A 314 -7.57 -3.67 13.72
N ALA A 315 -6.32 -3.41 14.08
CA ALA A 315 -5.75 -4.00 15.29
C ALA A 315 -6.48 -3.57 16.55
N ALA A 316 -7.01 -2.35 16.54
CA ALA A 316 -7.73 -1.86 17.70
C ALA A 316 -9.18 -2.33 17.79
N ARG A 317 -9.91 -2.22 16.68
CA ARG A 317 -11.33 -2.61 16.69
C ARG A 317 -11.82 -3.40 15.50
N GLY A 318 -10.93 -4.16 14.87
CA GLY A 318 -11.33 -4.95 13.72
C GLY A 318 -11.95 -4.17 12.58
N GLU A 319 -12.89 -4.79 11.88
CA GLU A 319 -13.55 -4.17 10.73
C GLU A 319 -14.14 -2.80 11.02
N THR A 320 -14.91 -2.69 12.09
CA THR A 320 -15.51 -1.41 12.44
C THR A 320 -14.42 -0.37 12.70
N GLY A 321 -13.29 -0.83 13.24
CA GLY A 321 -12.17 0.06 13.51
C GLY A 321 -11.61 0.61 12.20
N VAL A 322 -11.62 -0.21 11.16
CA VAL A 322 -11.13 0.22 9.86
C VAL A 322 -12.15 1.20 9.26
N ASP A 323 -13.44 0.90 9.43
CA ASP A 323 -14.49 1.78 8.92
C ASP A 323 -14.29 3.15 9.57
N GLU A 324 -14.03 3.14 10.87
CA GLU A 324 -13.85 4.37 11.61
C GLU A 324 -12.65 5.20 11.16
N VAL A 325 -11.52 4.54 10.89
CA VAL A 325 -10.32 5.26 10.45
C VAL A 325 -10.58 5.87 9.07
N LEU A 326 -11.29 5.12 8.22
CA LEU A 326 -11.60 5.63 6.89
C LEU A 326 -12.60 6.76 6.98
N THR A 327 -13.56 6.65 7.89
CA THR A 327 -14.56 7.70 8.04
C THR A 327 -13.89 8.99 8.50
N LEU A 328 -12.97 8.87 9.47
CA LEU A 328 -12.27 10.05 9.98
C LEU A 328 -11.40 10.66 8.89
N LEU A 329 -10.69 9.82 8.16
CA LEU A 329 -9.81 10.32 7.11
C LEU A 329 -10.56 11.01 5.99
N LYS A 330 -11.75 10.51 5.66
CA LYS A 330 -12.55 11.14 4.61
C LYS A 330 -13.00 12.50 5.11
N ALA A 331 -13.50 12.55 6.34
CA ALA A 331 -13.97 13.78 6.94
C ALA A 331 -12.79 14.76 7.05
N ASP A 332 -11.63 14.22 7.40
CA ASP A 332 -10.41 14.99 7.54
C ASP A 332 -10.06 15.63 6.19
N ILE A 333 -10.04 14.80 5.15
CA ILE A 333 -9.74 15.25 3.79
C ILE A 333 -10.75 16.31 3.36
N ASP A 334 -12.02 16.02 3.63
CA ASP A 334 -13.12 16.91 3.29
C ASP A 334 -12.95 18.28 3.95
N ARG A 335 -12.75 18.25 5.26
CA ARG A 335 -12.55 19.45 6.03
C ARG A 335 -11.35 20.26 5.48
N THR A 336 -10.32 19.55 5.02
CA THR A 336 -9.13 20.19 4.50
C THR A 336 -9.37 20.95 3.19
N LEU A 337 -10.10 20.32 2.27
CA LEU A 337 -10.40 20.96 1.00
C LEU A 337 -11.19 22.24 1.28
N ALA A 338 -12.14 22.14 2.21
CA ALA A 338 -12.97 23.29 2.56
C ALA A 338 -12.11 24.43 3.07
N GLN A 339 -11.15 24.14 3.93
CA GLN A 339 -10.26 25.16 4.49
C GLN A 339 -9.36 25.85 3.47
N ILE A 340 -8.84 25.10 2.51
CA ILE A 340 -7.96 25.69 1.50
C ILE A 340 -8.74 26.23 0.29
N GLY A 341 -10.04 26.01 0.28
CA GLY A 341 -10.87 26.51 -0.80
C GLY A 341 -10.82 25.76 -2.12
N CYS A 342 -10.65 24.45 -2.05
CA CYS A 342 -10.61 23.61 -3.24
C CYS A 342 -11.74 22.59 -3.08
N PRO A 343 -12.98 22.99 -3.41
CA PRO A 343 -14.16 22.12 -3.30
C PRO A 343 -14.11 20.79 -4.04
N ASP A 344 -13.46 20.78 -5.20
CA ASP A 344 -13.34 19.54 -5.96
C ASP A 344 -11.93 19.00 -5.80
N ILE A 345 -11.82 17.82 -5.19
CA ILE A 345 -10.53 17.21 -4.94
C ILE A 345 -9.66 17.12 -6.19
N THR A 346 -10.31 17.11 -7.35
CA THR A 346 -9.57 16.99 -8.60
C THR A 346 -8.97 18.32 -9.09
N SER A 347 -9.24 19.40 -8.37
CA SER A 347 -8.72 20.71 -8.78
C SER A 347 -7.43 21.07 -8.02
N LEU A 348 -7.02 20.19 -7.11
CA LEU A 348 -5.82 20.41 -6.33
C LEU A 348 -4.61 20.65 -7.23
N SER A 349 -3.76 21.58 -6.83
CA SER A 349 -2.55 21.89 -7.58
C SER A 349 -1.49 22.42 -6.63
N PRO A 350 -0.24 22.49 -7.09
CA PRO A 350 0.86 22.99 -6.24
C PRO A 350 0.60 24.42 -5.78
N ASP A 351 -0.41 25.02 -6.40
CA ASP A 351 -0.82 26.39 -6.11
C ASP A 351 -1.25 26.60 -4.66
N TYR A 352 -1.80 25.56 -4.03
CA TYR A 352 -2.25 25.65 -2.65
C TYR A 352 -1.14 25.37 -1.64
N LEU A 353 0.07 25.14 -2.13
CA LEU A 353 1.17 24.81 -1.23
C LEU A 353 2.25 25.89 -1.09
N GLN A 354 3.04 25.78 -0.04
CA GLN A 354 4.15 26.69 0.26
C GLN A 354 5.29 25.81 0.76
N ASN A 355 6.45 25.76 0.07
CA ASN A 355 7.54 24.92 0.59
C ASN A 355 8.17 25.69 1.73
N GLU A 356 8.45 24.98 2.81
CA GLU A 356 9.02 25.54 4.01
C GLU A 356 10.49 25.11 4.08
N1 FMN B . 4.05 -3.97 0.83
C2 FMN B . 3.82 -4.89 -0.18
O2 FMN B . 3.89 -4.62 -1.31
N3 FMN B . 3.43 -6.25 0.23
C4 FMN B . 3.31 -6.72 1.58
O4 FMN B . 2.98 -7.86 1.88
C4A FMN B . 3.56 -5.70 2.65
N5 FMN B . 3.44 -5.99 3.96
C5A FMN B . 3.57 -5.01 4.96
C6 FMN B . 3.32 -5.35 6.36
C7 FMN B . 3.31 -4.34 7.43
C7M FMN B . 3.03 -4.79 8.83
C8 FMN B . 3.59 -2.87 7.07
C8M FMN B . 3.58 -1.73 8.06
C9 FMN B . 3.86 -2.57 5.70
C9A FMN B . 3.85 -3.55 4.59
N10 FMN B . 4.06 -3.30 3.14
C10 FMN B . 3.93 -4.30 2.13
C1' FMN B . 4.27 -1.90 2.73
C2' FMN B . 2.92 -1.18 2.55
O2' FMN B . 2.24 -1.61 1.45
C3' FMN B . 3.03 0.34 2.47
O3' FMN B . 4.01 0.69 1.41
C4' FMN B . 3.55 1.04 3.72
O4' FMN B . 2.94 0.57 4.89
C5' FMN B . 3.27 2.51 3.59
O5' FMN B . 3.61 3.26 4.81
P FMN B . 2.77 3.63 6.05
O1P FMN B . 3.43 4.73 6.83
O2P FMN B . 2.59 2.38 6.83
O3P FMN B . 1.46 4.07 5.43
O1 MES C . -13.89 -9.81 15.23
C2 MES C . -13.35 -11.16 15.28
C3 MES C . -13.55 -11.91 13.91
N4 MES C . -14.99 -11.84 13.53
C5 MES C . -15.48 -10.39 13.45
C6 MES C . -15.29 -9.73 14.85
C7 MES C . -15.15 -12.57 12.24
C8 MES C . -16.62 -12.57 11.76
S MES C . -16.81 -13.49 10.25
O1S MES C . -18.41 -13.41 9.81
O2S MES C . -16.38 -14.98 10.51
O3S MES C . -15.93 -12.86 9.13
C8 HOC D . 11.97 -7.75 5.91
C7 HOC D . 11.26 -9.02 5.47
OH HOC D . 6.46 -6.15 3.17
C1 HOC D . 6.81 -6.84 5.46
C2 HOC D . 6.44 -7.30 3.99
C3 HOC D . 7.38 -8.32 3.31
C4 HOC D . 7.58 -9.70 3.98
C5 HOC D . 9.03 -10.00 4.49
C6 HOC D . 9.84 -8.76 4.96
O1A HOC D . 7.41 -5.59 5.53
O1B HOC D . 6.59 -7.47 6.50
#